data_5F3Y
#
_entry.id   5F3Y
#
_cell.length_a   197.516
_cell.length_b   197.516
_cell.length_c   97.709
_cell.angle_alpha   90.000
_cell.angle_beta   90.000
_cell.angle_gamma   90.000
#
_symmetry.space_group_name_H-M   'P 41 21 2'
#
loop_
_entity.id
_entity.type
_entity.pdbx_description
1 polymer 'Unconventional myosin-VIIb'
2 polymer 'Ankyrin repeat and SAM domain-containing protein 4B'
#
loop_
_entity_poly.entity_id
_entity_poly.type
_entity_poly.pdbx_seq_one_letter_code
_entity_poly.pdbx_strand_id
1 'polypeptide(L)'
;GSEFEEEVDSLAEYTFPKFAVTYFQKSASHTHIQKPLRYPLLYHENDTDHSAALDVWIIILRFMGDLPEPVVYGRNSLTG
SSVMRQIHDKLGKDSVTQHNRSSQVASQLNFGEEAFKFDGPISDRPMSNLEKVHFIVGYAIMRPGLRDEIYCQICKQLSE
NYKTSSRARGWILLSLCLGCFPPSERFMKYLLNFISQGPPSYGPFCAERLQRTFANGVRAEPPTWLELQAVKSKKHIPIQ
VILATGRSLTISVDSASTSREICQHVAQKQGLRDNLGFSLQVAVYDKFWSLGSGCDHLMDAVAQCEQLARERGESQRQAP
WRIYFRKEFFTPWHDSQEDPVSTELIYHQVLRGVWSGEYNFEKEEELVELLARHCYVQLGATVKSNAVQELLPSCVPSKL
YRTKSPEKWASLVTAAHAKAQYTQSKATPLAVREQTVEAARLLWPLLFSRLFEVTTLSGPRLPKTQLVLAINWKGMYFLD
QKERTLLGLSFAEVMGLVANRDAPGGKKLLLATLQEEYEFVSPSSVAIAEMVALFLGGLKERSVFAMALQDRRATDDITL
LPFKKGDLLILTKKQGLLASENWALGQNDRTGKTGLVPTACLYTIPSVTKPSTQLLSLLAM
;
A
2 'polypeptide(L)'
;GSVEEDDDVQHESILNRPGLGSIVFSRNRVLDFEDISDSKRELGFKMPSELFQRQGAAGTVEEEEEEEEEEEEEKREANG
TAGDLPWDEEEVEWEEDAVDAT
;
B
#
# COMPACT_ATOMS: atom_id res chain seq x y z
N THR A 15 27.60 26.18 15.35
CA THR A 15 26.43 26.20 16.20
C THR A 15 26.31 24.86 16.93
N PHE A 16 26.75 23.77 16.29
CA PHE A 16 26.92 22.53 17.02
C PHE A 16 27.85 22.71 18.21
N PRO A 17 28.92 23.51 18.13
CA PRO A 17 29.65 23.89 19.36
C PRO A 17 28.76 24.43 20.47
N LYS A 18 27.83 25.34 20.15
CA LYS A 18 26.94 25.88 21.18
C LYS A 18 26.04 24.80 21.75
N PHE A 19 25.52 23.91 20.89
CA PHE A 19 24.65 22.83 21.36
C PHE A 19 25.40 21.88 22.28
N ALA A 20 26.65 21.58 21.95
CA ALA A 20 27.45 20.72 22.81
C ALA A 20 27.72 21.41 24.14
N VAL A 21 28.12 22.69 24.08
CA VAL A 21 28.40 23.45 25.31
C VAL A 21 27.19 23.45 26.24
N THR A 22 26.00 23.54 25.66
CA THR A 22 24.80 23.58 26.50
C THR A 22 24.38 22.19 26.99
N TYR A 23 24.30 21.20 26.08
CA TYR A 23 23.66 19.92 26.39
C TYR A 23 24.61 18.75 26.71
N PHE A 24 25.91 18.85 26.45
CA PHE A 24 26.76 17.68 26.62
C PHE A 24 26.97 17.41 28.11
N GLN A 25 26.63 16.18 28.54
CA GLN A 25 26.43 15.91 29.97
C GLN A 25 27.74 15.75 30.75
N LYS A 26 28.68 14.94 30.29
CA LYS A 26 29.81 14.54 31.11
C LYS A 26 31.00 15.49 30.99
N SER A 27 30.79 16.66 30.38
CA SER A 27 31.84 17.58 29.93
C SER A 27 32.64 16.96 28.79
N ALA A 28 31.93 16.20 27.96
CA ALA A 28 32.53 15.48 26.86
C ALA A 28 33.13 16.43 25.85
N SER A 29 34.16 15.96 25.15
CA SER A 29 34.75 16.79 24.11
C SER A 29 33.72 17.04 23.01
N HIS A 30 33.64 18.29 22.61
CA HIS A 30 32.96 18.73 21.39
C HIS A 30 33.68 18.28 20.13
N THR A 31 34.86 17.68 20.27
CA THR A 31 35.78 17.35 19.20
C THR A 31 35.95 15.85 19.09
N HIS A 32 36.85 15.49 18.18
CA HIS A 32 37.21 14.10 17.94
C HIS A 32 37.83 13.47 19.18
N ILE A 33 37.54 12.20 19.37
CA ILE A 33 38.10 11.39 20.45
C ILE A 33 38.46 10.05 19.82
N GLN A 34 39.53 9.44 20.31
CA GLN A 34 39.87 8.08 19.92
C GLN A 34 39.67 7.07 21.05
N LYS A 35 38.93 7.45 22.09
CA LYS A 35 38.72 6.63 23.26
C LYS A 35 37.26 6.15 23.29
N PRO A 36 36.95 5.14 24.08
CA PRO A 36 35.53 4.85 24.39
C PRO A 36 34.86 6.01 25.11
N LEU A 37 33.57 5.87 25.41
CA LEU A 37 32.82 6.89 26.14
C LEU A 37 32.34 6.31 27.46
N ARG A 38 32.79 6.92 28.57
CA ARG A 38 32.35 6.49 29.90
C ARG A 38 30.89 6.88 30.18
N TYR A 39 30.39 7.93 29.55
CA TYR A 39 29.03 8.43 29.72
C TYR A 39 28.57 8.92 28.36
N PRO A 40 27.27 8.93 28.11
CA PRO A 40 26.79 9.40 26.80
C PRO A 40 26.86 10.91 26.69
N LEU A 41 26.87 11.38 25.44
CA LEU A 41 27.02 12.80 25.18
C LEU A 41 25.85 13.60 25.74
N LEU A 42 24.65 13.03 25.71
CA LEU A 42 23.47 13.76 26.13
C LEU A 42 22.87 13.08 27.35
N TYR A 43 21.83 13.68 27.88
CA TYR A 43 21.14 13.14 29.06
C TYR A 43 20.04 12.18 28.65
N HIS A 44 20.03 11.00 29.27
CA HIS A 44 18.99 10.02 29.00
C HIS A 44 18.46 9.55 30.35
N GLU A 45 17.21 9.93 30.65
CA GLU A 45 16.60 9.51 31.91
C GLU A 45 16.43 7.99 31.92
N ASN A 46 16.01 7.45 30.79
CA ASN A 46 15.78 6.04 30.65
C ASN A 46 17.09 5.28 30.65
N ASP A 47 17.07 4.09 31.24
CA ASP A 47 18.25 3.25 31.21
C ASP A 47 18.17 2.54 29.86
N THR A 48 19.12 1.66 29.55
CA THR A 48 19.11 0.96 28.26
C THR A 48 19.47 2.03 27.22
N ASP A 49 18.70 3.13 27.17
CA ASP A 49 19.06 4.20 26.24
C ASP A 49 20.43 4.70 26.62
N HIS A 50 20.66 4.81 27.92
CA HIS A 50 21.93 5.26 28.43
C HIS A 50 23.03 4.30 28.00
N SER A 51 22.81 2.99 28.24
CA SER A 51 23.80 1.98 27.85
C SER A 51 23.90 1.85 26.33
N ALA A 52 22.76 1.91 25.64
CA ALA A 52 22.80 1.77 24.19
C ALA A 52 23.65 2.86 23.59
N ALA A 53 23.58 4.07 24.15
CA ALA A 53 24.33 5.18 23.58
C ALA A 53 25.82 4.85 23.52
N LEU A 54 26.34 4.29 24.61
CA LEU A 54 27.75 3.93 24.65
C LEU A 54 28.08 2.79 23.68
N ASP A 55 27.27 1.73 23.61
CA ASP A 55 27.64 0.67 22.66
C ASP A 55 27.62 1.19 21.22
N VAL A 56 26.53 1.85 20.82
CA VAL A 56 26.46 2.49 19.50
C VAL A 56 27.76 3.23 19.23
N TRP A 57 28.18 4.03 20.21
CA TRP A 57 29.40 4.82 20.06
C TRP A 57 30.60 3.92 19.74
N ILE A 58 30.74 2.81 20.47
CA ILE A 58 31.82 1.85 20.23
C ILE A 58 31.80 1.36 18.78
N ILE A 59 30.61 1.11 18.24
CA ILE A 59 30.58 0.64 16.87
C ILE A 59 30.87 1.77 15.88
N ILE A 60 30.37 2.98 16.12
CA ILE A 60 30.72 4.11 15.26
C ILE A 60 32.23 4.22 15.13
N LEU A 61 32.91 4.26 16.27
CA LEU A 61 34.37 4.37 16.25
C LEU A 61 35.00 3.18 15.54
N ARG A 62 34.61 1.95 15.90
CA ARG A 62 35.22 0.79 15.27
C ARG A 62 35.03 0.83 13.76
N PHE A 63 33.94 1.45 13.29
CA PHE A 63 33.66 1.59 11.87
C PHE A 63 34.45 2.71 11.21
N MET A 64 34.75 3.77 11.93
CA MET A 64 35.55 4.86 11.37
C MET A 64 37.05 4.59 11.44
N GLY A 65 37.45 3.46 12.02
CA GLY A 65 38.85 3.16 12.21
C GLY A 65 39.45 3.77 13.44
N ASP A 66 38.71 4.64 14.14
CA ASP A 66 39.20 5.27 15.35
C ASP A 66 39.28 4.29 16.51
N LEU A 67 38.78 3.07 16.33
CA LEU A 67 38.99 2.02 17.31
C LEU A 67 39.44 0.76 16.58
N PRO A 68 40.34 -0.01 17.18
CA PRO A 68 40.76 -1.27 16.56
C PRO A 68 39.63 -2.29 16.65
N GLU A 69 39.36 -2.97 15.54
CA GLU A 69 38.32 -3.99 15.58
C GLU A 69 38.92 -5.28 16.11
N PRO A 70 38.14 -6.08 16.85
CA PRO A 70 38.73 -7.20 17.60
C PRO A 70 39.25 -8.33 16.74
N VAL A 71 39.87 -9.32 17.39
CA VAL A 71 40.52 -10.44 16.71
C VAL A 71 39.85 -11.73 17.16
N VAL A 72 39.54 -12.60 16.18
CA VAL A 72 38.92 -13.90 16.42
C VAL A 72 39.74 -14.79 17.36
N ILE A 122 30.09 -8.20 26.30
CA ILE A 122 30.33 -6.84 25.86
C ILE A 122 30.64 -6.81 24.38
N SER A 123 31.16 -5.69 23.87
CA SER A 123 31.67 -5.66 22.50
C SER A 123 33.19 -5.78 22.57
N ASP A 124 33.60 -7.05 22.66
CA ASP A 124 34.82 -7.56 22.10
C ASP A 124 34.53 -8.39 20.86
N ARG A 125 33.22 -8.46 20.46
CA ARG A 125 32.73 -9.27 19.35
C ARG A 125 32.94 -8.54 18.03
N PRO A 126 33.22 -9.27 16.96
CA PRO A 126 33.44 -8.63 15.65
C PRO A 126 32.14 -8.51 14.87
N MET A 127 32.21 -7.75 13.78
CA MET A 127 31.09 -7.68 12.87
C MET A 127 31.54 -7.05 11.56
N SER A 128 30.80 -7.36 10.50
CA SER A 128 31.03 -6.75 9.21
C SER A 128 30.64 -5.29 9.26
N ASN A 129 31.32 -4.46 8.47
CA ASN A 129 30.95 -3.06 8.41
C ASN A 129 29.48 -2.89 8.02
N LEU A 130 28.93 -3.81 7.22
CA LEU A 130 27.48 -3.83 6.99
C LEU A 130 26.73 -4.08 8.30
N GLU A 131 27.15 -5.11 9.03
CA GLU A 131 26.55 -5.37 10.34
C GLU A 131 26.69 -4.18 11.27
N LYS A 132 27.82 -3.47 11.19
CA LYS A 132 28.00 -2.28 12.02
C LYS A 132 26.95 -1.22 11.70
N VAL A 133 26.86 -0.83 10.42
CA VAL A 133 25.85 0.15 10.00
C VAL A 133 24.47 -0.27 10.49
N HIS A 134 24.10 -1.53 10.23
CA HIS A 134 22.81 -2.04 10.68
C HIS A 134 22.63 -1.86 12.18
N PHE A 135 23.70 -2.07 12.96
CA PHE A 135 23.62 -1.88 14.40
C PHE A 135 23.27 -0.43 14.74
N ILE A 136 24.04 0.51 14.19
CA ILE A 136 23.84 1.92 14.52
C ILE A 136 22.45 2.39 14.11
N VAL A 137 22.14 2.26 12.81
CA VAL A 137 20.85 2.68 12.29
C VAL A 137 19.72 1.96 13.00
N GLY A 138 19.88 0.68 13.25
CA GLY A 138 18.89 -0.10 13.94
C GLY A 138 18.53 0.49 15.29
N TYR A 139 19.52 0.67 16.17
CA TYR A 139 19.20 1.31 17.45
C TYR A 139 18.50 2.63 17.24
N ALA A 140 18.96 3.42 16.26
CA ALA A 140 18.39 4.76 16.08
C ALA A 140 16.93 4.70 15.68
N ILE A 141 16.53 3.68 14.92
CA ILE A 141 15.13 3.53 14.57
C ILE A 141 14.33 3.02 15.77
N MET A 142 14.66 1.81 16.25
CA MET A 142 13.90 1.19 17.32
C MET A 142 13.81 2.08 18.56
N ARG A 143 14.96 2.61 19.04
CA ARG A 143 14.93 3.53 20.18
C ARG A 143 14.97 4.97 19.71
N PRO A 144 13.87 5.73 19.85
CA PRO A 144 13.81 7.06 19.22
C PRO A 144 14.70 8.09 19.87
N GLY A 145 14.99 7.97 21.17
CA GLY A 145 15.81 8.99 21.80
C GLY A 145 17.21 9.03 21.25
N LEU A 146 17.86 7.86 21.17
CA LEU A 146 19.24 7.76 20.71
C LEU A 146 19.46 8.52 19.40
N ARG A 147 18.41 8.68 18.61
CA ARG A 147 18.51 9.38 17.32
C ARG A 147 19.23 10.72 17.46
N ASP A 148 18.92 11.49 18.52
CA ASP A 148 19.69 12.73 18.73
C ASP A 148 21.12 12.43 19.16
N GLU A 149 21.28 11.61 20.22
CA GLU A 149 22.60 11.30 20.74
C GLU A 149 23.53 10.87 19.62
N ILE A 150 23.12 9.86 18.86
CA ILE A 150 23.94 9.32 17.77
C ILE A 150 24.43 10.42 16.84
N TYR A 151 23.55 11.36 16.47
CA TYR A 151 23.99 12.41 15.57
C TYR A 151 25.16 13.17 16.16
N CYS A 152 25.02 13.62 17.41
CA CYS A 152 26.13 14.29 18.08
C CYS A 152 27.35 13.38 18.13
N GLN A 153 27.12 12.08 18.34
CA GLN A 153 28.22 11.11 18.37
C GLN A 153 28.98 11.12 17.05
N ILE A 154 28.28 11.27 15.93
CA ILE A 154 28.96 11.33 14.64
C ILE A 154 29.38 12.75 14.31
N CYS A 155 28.87 13.75 15.03
CA CYS A 155 29.38 15.10 14.88
C CYS A 155 30.67 15.30 15.67
N LYS A 156 30.71 14.80 16.90
CA LYS A 156 31.94 14.86 17.67
C LYS A 156 33.08 14.26 16.88
N GLN A 157 32.92 13.02 16.44
CA GLN A 157 33.95 12.35 15.68
C GLN A 157 34.23 12.98 14.32
N LEU A 158 33.29 13.73 13.76
CA LEU A 158 33.52 14.40 12.48
C LEU A 158 33.92 15.85 12.61
N SER A 159 34.00 16.38 13.82
CA SER A 159 34.51 17.73 14.04
C SER A 159 35.99 17.63 14.39
N GLU A 160 36.83 18.24 13.54
CA GLU A 160 38.28 18.24 13.72
C GLU A 160 38.84 16.83 13.67
N ASN A 161 38.34 16.03 12.72
CA ASN A 161 38.89 14.70 12.47
C ASN A 161 39.97 14.85 11.42
N TYR A 162 41.23 14.67 11.82
CA TYR A 162 42.36 14.94 10.92
C TYR A 162 42.84 13.72 10.16
N LYS A 163 42.31 12.55 10.46
CA LYS A 163 42.59 11.37 9.65
C LYS A 163 41.73 11.43 8.39
N THR A 164 42.38 11.33 7.24
CA THR A 164 41.70 11.59 5.97
C THR A 164 40.61 10.56 5.70
N SER A 165 40.83 9.30 6.08
CA SER A 165 39.84 8.27 5.81
C SER A 165 38.69 8.31 6.81
N SER A 166 39.02 8.54 8.10
CA SER A 166 37.99 8.55 9.13
C SER A 166 36.92 9.58 8.82
N ARG A 167 37.33 10.76 8.33
CA ARG A 167 36.37 11.79 7.95
C ARG A 167 35.40 11.24 6.90
N ALA A 168 35.94 10.61 5.85
CA ALA A 168 35.09 10.07 4.78
C ALA A 168 34.12 9.03 5.32
N ARG A 169 34.59 8.13 6.19
CA ARG A 169 33.69 7.12 6.72
C ARG A 169 32.58 7.74 7.57
N GLY A 170 32.93 8.73 8.40
CA GLY A 170 31.92 9.44 9.17
C GLY A 170 30.85 10.06 8.29
N TRP A 171 31.26 10.72 7.20
CA TRP A 171 30.28 11.34 6.31
C TRP A 171 29.44 10.30 5.57
N ILE A 172 30.02 9.13 5.30
CA ILE A 172 29.19 8.04 4.79
C ILE A 172 28.12 7.67 5.82
N LEU A 173 28.52 7.59 7.08
CA LEU A 173 27.58 7.28 8.15
C LEU A 173 26.48 8.34 8.26
N LEU A 174 26.79 9.61 7.99
CA LEU A 174 25.72 10.60 7.90
C LEU A 174 24.87 10.44 6.66
N SER A 175 25.46 9.98 5.56
CA SER A 175 24.64 9.70 4.40
C SER A 175 23.56 8.68 4.74
N LEU A 176 23.97 7.58 5.39
CA LEU A 176 23.02 6.51 5.72
C LEU A 176 22.06 6.93 6.82
N CYS A 177 22.59 7.43 7.94
CA CYS A 177 21.74 7.83 9.07
C CYS A 177 20.78 8.94 8.69
N LEU A 178 21.24 9.89 7.87
CA LEU A 178 20.33 10.91 7.35
C LEU A 178 19.40 10.32 6.31
N GLY A 179 19.71 9.14 5.79
CA GLY A 179 18.76 8.41 4.98
C GLY A 179 17.62 7.82 5.81
N CYS A 180 17.95 7.24 6.97
CA CYS A 180 17.00 6.36 7.65
C CYS A 180 16.26 6.94 8.86
N PHE A 181 16.57 8.13 9.35
CA PHE A 181 15.74 8.65 10.44
C PHE A 181 15.96 10.15 10.54
N PRO A 182 15.11 10.86 11.30
CA PRO A 182 15.30 12.29 11.48
C PRO A 182 15.94 12.62 12.82
N PRO A 183 16.33 13.87 13.01
CA PRO A 183 16.63 14.37 14.35
C PRO A 183 15.35 14.69 15.11
N SER A 184 15.50 14.88 16.41
CA SER A 184 14.44 15.48 17.22
C SER A 184 14.25 16.94 16.84
N GLU A 185 13.09 17.47 17.22
CA GLU A 185 12.77 18.86 16.90
C GLU A 185 13.82 19.81 17.44
N ARG A 186 14.30 19.57 18.67
CA ARG A 186 15.19 20.54 19.31
C ARG A 186 16.53 20.66 18.59
N PHE A 187 17.05 19.56 18.07
CA PHE A 187 18.39 19.54 17.50
C PHE A 187 18.45 19.82 16.00
N MET A 188 17.30 19.92 15.32
CA MET A 188 17.27 19.89 13.86
C MET A 188 18.17 20.97 13.23
N LYS A 189 17.90 22.24 13.56
CA LYS A 189 18.60 23.34 12.91
C LYS A 189 20.12 23.21 13.03
N TYR A 190 20.61 22.82 14.21
CA TYR A 190 22.06 22.72 14.41
C TYR A 190 22.66 21.67 13.46
N LEU A 191 22.03 20.50 13.39
CA LEU A 191 22.46 19.49 12.42
C LEU A 191 22.50 20.08 11.02
N LEU A 192 21.46 20.84 10.63
CA LEU A 192 21.47 21.44 9.31
C LEU A 192 22.67 22.35 9.11
N ASN A 193 23.05 23.12 10.13
CA ASN A 193 24.22 23.98 9.97
C ASN A 193 25.50 23.18 9.80
N PHE A 194 25.69 22.13 10.62
CA PHE A 194 26.90 21.34 10.51
C PHE A 194 27.01 20.67 9.14
N ILE A 195 25.88 20.15 8.62
CA ILE A 195 25.85 19.67 7.24
C ILE A 195 26.19 20.80 6.26
N SER A 196 25.70 22.01 6.55
CA SER A 196 25.90 23.14 5.65
C SER A 196 27.38 23.42 5.43
N GLN A 197 28.19 23.39 6.50
CA GLN A 197 29.63 23.42 6.32
C GLN A 197 30.07 21.96 6.32
N GLY A 198 29.93 21.37 5.14
CA GLY A 198 30.44 20.07 4.80
C GLY A 198 31.43 20.18 3.66
N PRO A 199 31.96 19.05 3.22
CA PRO A 199 32.67 19.03 1.95
C PRO A 199 31.69 19.21 0.82
N PRO A 200 32.07 19.96 -0.22
CA PRO A 200 31.14 20.21 -1.34
C PRO A 200 30.63 18.95 -2.02
N SER A 201 31.23 17.80 -1.77
CA SER A 201 30.77 16.52 -2.31
C SER A 201 29.50 16.02 -1.62
N TYR A 202 29.61 15.66 -0.34
CA TYR A 202 28.49 15.16 0.45
C TYR A 202 27.68 16.26 1.12
N GLY A 203 28.05 17.51 0.93
CA GLY A 203 27.44 18.59 1.68
C GLY A 203 25.97 18.75 1.34
N PRO A 204 25.65 19.03 0.07
CA PRO A 204 24.23 19.12 -0.30
C PRO A 204 23.55 17.77 -0.29
N PHE A 205 24.29 16.70 -0.57
CA PHE A 205 23.73 15.35 -0.58
C PHE A 205 23.01 15.03 0.73
N CYS A 206 23.68 15.30 1.85
CA CYS A 206 23.10 14.99 3.15
C CYS A 206 21.96 15.94 3.50
N ALA A 207 22.05 17.19 3.10
CA ALA A 207 20.95 18.11 3.34
C ALA A 207 19.69 17.65 2.63
N GLU A 208 19.83 17.25 1.36
CA GLU A 208 18.67 16.78 0.61
C GLU A 208 18.16 15.45 1.18
N ARG A 209 19.06 14.55 1.58
CA ARG A 209 18.63 13.31 2.23
C ARG A 209 17.86 13.60 3.51
N LEU A 210 18.27 14.62 4.26
CA LEU A 210 17.55 14.97 5.49
C LEU A 210 16.20 15.60 5.19
N GLN A 211 16.12 16.45 4.16
CA GLN A 211 14.83 17.02 3.78
C GLN A 211 13.87 15.92 3.37
N ARG A 212 14.35 15.01 2.52
CA ARG A 212 13.55 13.87 2.10
C ARG A 212 13.06 13.08 3.31
N THR A 213 13.98 12.62 4.14
CA THR A 213 13.59 11.78 5.29
C THR A 213 12.64 12.52 6.21
N PHE A 214 12.92 13.78 6.49
CA PHE A 214 12.03 14.59 7.31
C PHE A 214 10.63 14.69 6.72
N ALA A 215 10.52 14.66 5.39
CA ALA A 215 9.20 14.74 4.76
C ALA A 215 8.49 13.39 4.79
N ASN A 216 9.17 12.32 4.41
CA ASN A 216 8.53 11.04 4.10
C ASN A 216 8.56 10.06 5.28
N GLY A 217 9.00 10.50 6.45
CA GLY A 217 8.92 9.67 7.63
C GLY A 217 10.21 8.94 7.93
N VAL A 218 10.17 8.18 9.01
CA VAL A 218 11.31 7.39 9.47
C VAL A 218 11.28 6.05 8.74
N ARG A 219 12.39 5.70 8.09
CA ARG A 219 12.49 4.36 7.55
C ARG A 219 12.34 3.37 8.70
N ALA A 220 11.63 2.28 8.43
CA ALA A 220 11.38 1.25 9.43
C ALA A 220 12.41 0.14 9.35
N GLU A 221 13.45 0.31 8.54
CA GLU A 221 14.51 -0.68 8.43
C GLU A 221 15.88 -0.01 8.22
N PRO A 222 16.95 -0.69 8.63
CA PRO A 222 18.31 -0.17 8.41
C PRO A 222 18.66 -0.19 6.93
N PRO A 223 19.71 0.54 6.53
CA PRO A 223 20.05 0.64 5.09
C PRO A 223 20.24 -0.72 4.42
N THR A 224 19.71 -0.84 3.21
CA THR A 224 19.95 -2.00 2.38
C THR A 224 21.34 -1.91 1.77
N TRP A 225 21.84 -3.06 1.32
CA TRP A 225 23.10 -3.07 0.59
C TRP A 225 23.02 -2.11 -0.61
N LEU A 226 21.86 -2.09 -1.29
CA LEU A 226 21.67 -1.21 -2.44
C LEU A 226 21.92 0.25 -2.07
N GLU A 227 21.46 0.67 -0.90
CA GLU A 227 21.72 2.02 -0.42
C GLU A 227 23.20 2.25 -0.13
N LEU A 228 23.90 1.28 0.46
CA LEU A 228 25.34 1.45 0.66
C LEU A 228 26.04 1.72 -0.67
N GLN A 229 25.68 0.95 -1.69
CA GLN A 229 26.15 1.25 -3.03
C GLN A 229 25.83 2.69 -3.41
N ALA A 230 24.57 3.11 -3.20
CA ALA A 230 24.19 4.46 -3.64
C ALA A 230 24.99 5.53 -2.91
N VAL A 231 25.42 5.24 -1.67
CA VAL A 231 26.17 6.21 -0.88
C VAL A 231 27.57 6.39 -1.43
N LYS A 232 28.25 5.28 -1.76
CA LYS A 232 29.54 5.42 -2.42
C LYS A 232 29.38 6.11 -3.77
N SER A 233 28.28 5.83 -4.47
CA SER A 233 27.99 6.49 -5.74
C SER A 233 27.58 7.95 -5.55
N LYS A 234 26.93 8.27 -4.43
CA LYS A 234 26.31 9.58 -4.23
C LYS A 234 25.37 9.89 -5.40
N LYS A 235 24.62 8.87 -5.81
CA LYS A 235 23.78 8.88 -7.01
C LYS A 235 22.32 8.58 -6.63
N HIS A 236 21.48 8.42 -7.64
CA HIS A 236 20.11 7.95 -7.49
C HIS A 236 19.97 6.52 -8.03
N ILE A 237 19.04 5.76 -7.45
CA ILE A 237 18.98 4.31 -7.64
C ILE A 237 18.02 4.01 -8.78
N PRO A 238 18.46 3.33 -9.85
CA PRO A 238 17.53 2.80 -10.84
C PRO A 238 16.83 1.54 -10.34
N ILE A 239 15.53 1.44 -10.63
CA ILE A 239 14.73 0.29 -10.21
C ILE A 239 13.75 -0.09 -11.32
N GLN A 240 13.75 -1.35 -11.73
CA GLN A 240 12.85 -1.81 -12.78
C GLN A 240 11.52 -2.24 -12.15
N VAL A 241 10.42 -1.62 -12.59
CA VAL A 241 9.07 -1.93 -12.13
C VAL A 241 8.34 -2.62 -13.26
N ILE A 242 7.91 -3.85 -13.01
CA ILE A 242 7.27 -4.65 -14.03
C ILE A 242 5.80 -4.25 -14.09
N LEU A 243 5.37 -3.78 -15.26
CA LEU A 243 3.96 -3.58 -15.56
C LEU A 243 3.31 -4.90 -15.97
N ALA A 244 2.00 -4.97 -15.81
CA ALA A 244 1.27 -6.18 -16.19
C ALA A 244 1.40 -6.49 -17.68
N THR A 245 1.81 -5.51 -18.50
CA THR A 245 2.02 -5.78 -19.93
C THR A 245 3.21 -6.67 -20.18
N GLY A 246 4.15 -6.75 -19.24
CA GLY A 246 5.38 -7.46 -19.41
C GLY A 246 6.53 -6.52 -19.69
N ARG A 247 6.24 -5.36 -20.26
CA ARG A 247 7.21 -4.28 -20.31
C ARG A 247 7.40 -3.72 -18.91
N SER A 248 8.60 -3.21 -18.64
CA SER A 248 8.97 -2.77 -17.31
C SER A 248 9.57 -1.38 -17.38
N LEU A 249 8.98 -0.46 -16.63
CA LEU A 249 9.46 0.92 -16.58
C LEU A 249 10.47 1.04 -15.46
N THR A 250 11.63 1.62 -15.76
CA THR A 250 12.66 1.81 -14.76
C THR A 250 12.53 3.22 -14.19
N ILE A 251 12.51 3.32 -12.86
CA ILE A 251 12.23 4.55 -12.14
C ILE A 251 13.43 4.91 -11.28
N SER A 252 13.68 6.22 -11.16
CA SER A 252 14.68 6.73 -10.24
C SER A 252 14.09 6.76 -8.83
N VAL A 253 14.91 6.36 -7.85
CA VAL A 253 14.44 6.13 -6.49
C VAL A 253 15.58 6.49 -5.53
N ASP A 254 15.23 7.13 -4.41
CA ASP A 254 16.15 7.39 -3.30
C ASP A 254 15.70 6.62 -2.06
N SER A 255 16.37 6.87 -0.93
CA SER A 255 16.04 6.12 0.28
C SER A 255 14.59 6.29 0.69
N ALA A 256 14.11 7.53 0.73
CA ALA A 256 12.78 7.82 1.24
C ALA A 256 11.69 7.55 0.23
N SER A 257 12.00 7.01 -0.94
CA SER A 257 10.96 6.77 -1.93
C SER A 257 9.86 5.90 -1.35
N THR A 258 8.64 6.26 -1.69
CA THR A 258 7.40 5.71 -1.18
C THR A 258 6.56 5.16 -2.32
N SER A 259 5.83 4.08 -2.04
CA SER A 259 5.02 3.48 -3.08
C SER A 259 3.98 4.46 -3.63
N ARG A 260 3.52 5.42 -2.82
CA ARG A 260 2.70 6.50 -3.36
C ARG A 260 3.44 7.27 -4.43
N GLU A 261 4.67 7.71 -4.11
CA GLU A 261 5.51 8.41 -5.07
C GLU A 261 5.77 7.56 -6.31
N ILE A 262 6.18 6.31 -6.09
CA ILE A 262 6.53 5.44 -7.21
C ILE A 262 5.34 5.24 -8.12
N CYS A 263 4.17 4.98 -7.54
CA CYS A 263 2.97 4.81 -8.34
C CYS A 263 2.62 6.10 -9.08
N GLN A 264 2.82 7.26 -8.44
CA GLN A 264 2.62 8.52 -9.16
C GLN A 264 3.55 8.60 -10.36
N HIS A 265 4.80 8.17 -10.21
CA HIS A 265 5.75 8.19 -11.33
C HIS A 265 5.34 7.23 -12.43
N VAL A 266 4.83 6.04 -12.08
CA VAL A 266 4.34 5.11 -13.08
C VAL A 266 3.15 5.70 -13.81
N ALA A 267 2.28 6.39 -13.08
CA ALA A 267 1.13 7.04 -13.71
C ALA A 267 1.59 8.06 -14.74
N GLN A 268 2.41 9.02 -14.30
CA GLN A 268 2.90 10.02 -15.23
C GLN A 268 3.70 9.40 -16.37
N LYS A 269 4.26 8.20 -16.17
CA LYS A 269 5.00 7.56 -17.24
C LYS A 269 4.05 6.95 -18.27
N GLN A 270 3.10 6.13 -17.83
CA GLN A 270 2.15 5.52 -18.74
C GLN A 270 0.84 6.27 -18.83
N GLY A 271 0.74 7.44 -18.20
CA GLY A 271 -0.44 8.28 -18.40
C GLY A 271 -1.70 7.71 -17.79
N LEU A 272 -1.61 7.18 -16.57
CA LEU A 272 -2.73 6.49 -15.95
C LEU A 272 -3.49 7.49 -15.10
N ARG A 273 -4.67 7.89 -15.58
CA ARG A 273 -5.44 8.94 -14.90
C ARG A 273 -6.25 8.37 -13.75
N ASP A 274 -6.84 7.18 -13.92
CA ASP A 274 -7.56 6.50 -12.84
C ASP A 274 -6.58 5.58 -12.13
N ASN A 275 -5.96 6.10 -11.08
CA ASN A 275 -4.92 5.38 -10.36
C ASN A 275 -5.40 4.70 -9.09
N LEU A 276 -6.62 5.00 -8.63
CA LEU A 276 -7.09 4.43 -7.39
C LEU A 276 -7.11 2.91 -7.49
N GLY A 277 -6.40 2.26 -6.57
CA GLY A 277 -6.35 0.82 -6.50
C GLY A 277 -5.12 0.19 -7.11
N PHE A 278 -4.33 0.92 -7.86
CA PHE A 278 -3.09 0.35 -8.35
C PHE A 278 -2.05 0.36 -7.23
N SER A 279 -1.55 -0.83 -6.91
CA SER A 279 -0.59 -1.03 -5.85
C SER A 279 0.72 -1.52 -6.42
N LEU A 280 1.70 -1.62 -5.53
CA LEU A 280 3.07 -1.99 -5.84
C LEU A 280 3.39 -3.25 -5.06
N GLN A 281 3.54 -4.37 -5.75
CA GLN A 281 3.84 -5.65 -5.11
C GLN A 281 5.31 -6.02 -5.26
N VAL A 282 5.86 -6.72 -4.26
CA VAL A 282 7.26 -7.11 -4.21
C VAL A 282 7.36 -8.61 -4.02
N ALA A 283 8.12 -9.27 -4.91
CA ALA A 283 8.19 -10.73 -4.98
C ALA A 283 9.62 -11.19 -4.97
N VAL A 284 9.94 -12.11 -4.05
CA VAL A 284 11.26 -12.72 -3.90
C VAL A 284 11.07 -14.16 -3.46
N TYR A 285 11.82 -15.08 -4.04
CA TYR A 285 12.04 -16.39 -3.41
C TYR A 285 10.73 -17.14 -3.15
N ASP A 286 9.80 -17.12 -4.10
CA ASP A 286 8.52 -17.80 -3.92
C ASP A 286 7.76 -17.27 -2.70
N LYS A 287 7.87 -15.96 -2.47
CA LYS A 287 7.14 -15.21 -1.45
C LYS A 287 6.95 -13.79 -1.96
N PHE A 288 5.86 -13.13 -1.55
CA PHE A 288 5.62 -11.77 -2.03
C PHE A 288 4.70 -11.05 -1.04
N TRP A 289 4.70 -9.72 -1.11
CA TRP A 289 3.76 -8.94 -0.31
C TRP A 289 3.54 -7.63 -1.03
N SER A 290 2.66 -6.80 -0.48
CA SER A 290 2.27 -5.55 -1.12
C SER A 290 2.75 -4.33 -0.35
N LEU A 291 3.15 -3.32 -1.12
CA LEU A 291 3.50 -2.01 -0.60
C LEU A 291 2.37 -1.00 -0.75
N GLY A 292 1.27 -1.40 -1.38
CA GLY A 292 0.17 -0.49 -1.62
C GLY A 292 0.54 0.67 -2.52
N SER A 293 -0.39 1.60 -2.73
CA SER A 293 -0.02 2.93 -3.18
C SER A 293 0.25 3.84 -1.98
N GLY A 294 0.31 3.26 -0.79
CA GLY A 294 0.43 4.01 0.44
C GLY A 294 1.83 4.56 0.66
N CYS A 295 2.14 4.78 1.93
CA CYS A 295 3.30 5.52 2.43
C CYS A 295 4.50 4.64 2.86
N ASP A 296 4.50 3.34 2.56
CA ASP A 296 5.63 2.46 2.87
C ASP A 296 6.86 2.87 2.04
N HIS A 297 8.05 2.44 2.48
CA HIS A 297 9.30 2.73 1.78
C HIS A 297 9.84 1.48 1.11
N LEU A 298 10.00 1.51 -0.22
CA LEU A 298 10.38 0.28 -0.89
C LEU A 298 11.78 -0.17 -0.50
N MET A 299 12.65 0.77 -0.13
CA MET A 299 13.97 0.35 0.34
C MET A 299 13.82 -0.53 1.57
N ASP A 300 12.80 -0.27 2.37
CA ASP A 300 12.52 -1.07 3.55
C ASP A 300 11.79 -2.35 3.21
N ALA A 301 11.31 -2.51 1.98
CA ALA A 301 10.94 -3.84 1.54
C ALA A 301 12.16 -4.61 1.04
N VAL A 302 13.01 -3.93 0.27
CA VAL A 302 14.25 -4.54 -0.25
C VAL A 302 15.13 -5.02 0.88
N ALA A 303 15.14 -4.28 2.00
CA ALA A 303 15.88 -4.72 3.17
C ALA A 303 15.28 -6.01 3.74
N GLN A 304 13.94 -6.07 3.81
CA GLN A 304 13.30 -7.32 4.22
C GLN A 304 13.74 -8.47 3.33
N CYS A 305 13.76 -8.25 2.01
CA CYS A 305 14.19 -9.29 1.08
C CYS A 305 15.63 -9.71 1.31
N GLU A 306 16.52 -8.74 1.49
CA GLU A 306 17.91 -9.06 1.73
C GLU A 306 18.06 -9.92 2.98
N GLN A 307 17.49 -9.46 4.10
CA GLN A 307 17.56 -10.21 5.34
C GLN A 307 16.82 -11.54 5.24
N LEU A 308 16.02 -11.74 4.20
CA LEU A 308 15.52 -13.07 3.89
C LEU A 308 16.55 -13.89 3.10
N ALA A 309 17.23 -13.27 2.13
CA ALA A 309 18.18 -14.02 1.30
C ALA A 309 19.38 -14.47 2.11
N ARG A 310 19.90 -13.60 2.98
CA ARG A 310 20.96 -14.02 3.90
C ARG A 310 20.49 -15.17 4.78
N GLU A 311 19.22 -15.16 5.18
CA GLU A 311 18.64 -16.28 5.90
C GLU A 311 18.67 -17.56 5.08
N ARG A 312 18.39 -17.44 3.78
CA ARG A 312 18.42 -18.57 2.86
C ARG A 312 19.82 -18.98 2.43
N GLY A 313 20.84 -18.16 2.71
CA GLY A 313 22.22 -18.49 2.43
C GLY A 313 22.83 -17.75 1.26
N GLU A 314 22.02 -17.18 0.37
CA GLU A 314 22.55 -16.44 -0.77
C GLU A 314 23.10 -15.09 -0.30
N SER A 315 23.67 -14.32 -1.23
CA SER A 315 24.33 -13.09 -0.85
C SER A 315 23.33 -11.98 -0.57
N GLN A 316 23.72 -11.02 0.26
CA GLN A 316 22.87 -9.85 0.46
C GLN A 316 22.69 -9.09 -0.83
N ARG A 317 23.73 -9.03 -1.65
CA ARG A 317 23.66 -8.43 -2.98
C ARG A 317 23.11 -9.39 -4.03
N GLN A 318 22.90 -10.68 -3.68
CA GLN A 318 22.30 -11.61 -4.64
C GLN A 318 20.95 -11.10 -5.11
N ALA A 319 20.13 -10.60 -4.17
CA ALA A 319 18.92 -9.83 -4.42
C ALA A 319 18.09 -10.31 -5.60
N PRO A 320 17.55 -11.44 -5.54
CA PRO A 320 16.63 -11.84 -6.62
C PRO A 320 15.18 -11.48 -6.28
N TRP A 321 14.94 -10.17 -6.26
CA TRP A 321 13.62 -9.62 -5.97
C TRP A 321 13.17 -8.79 -7.16
N ARG A 322 11.87 -8.58 -7.22
CA ARG A 322 11.27 -7.84 -8.32
C ARG A 322 10.06 -7.09 -7.82
N ILE A 323 9.77 -5.96 -8.48
CA ILE A 323 8.65 -5.10 -8.13
C ILE A 323 7.68 -5.06 -9.30
N TYR A 324 6.42 -5.38 -9.03
CA TYR A 324 5.34 -5.34 -10.01
C TYR A 324 4.43 -4.15 -9.71
N PHE A 325 3.87 -3.57 -10.77
CA PHE A 325 2.81 -2.58 -10.65
C PHE A 325 1.50 -3.26 -11.04
N ARG A 326 0.65 -3.50 -10.05
CA ARG A 326 -0.46 -4.44 -10.17
C ARG A 326 -1.76 -3.81 -9.67
N LYS A 327 -2.92 -4.31 -10.16
CA LYS A 327 -4.21 -3.82 -9.66
C LYS A 327 -4.64 -4.71 -8.50
N GLU A 328 -4.52 -4.18 -7.30
CA GLU A 328 -4.98 -4.84 -6.09
C GLU A 328 -6.46 -4.58 -5.83
N PHE A 329 -6.89 -3.31 -5.84
CA PHE A 329 -8.25 -2.84 -5.56
C PHE A 329 -9.16 -2.86 -6.76
N PHE A 330 -10.46 -2.91 -6.47
CA PHE A 330 -11.50 -2.40 -7.35
C PHE A 330 -12.37 -1.45 -6.53
N THR A 331 -12.50 -0.19 -6.96
CA THR A 331 -13.28 0.73 -6.12
C THR A 331 -14.77 0.48 -6.29
N PRO A 332 -15.57 0.69 -5.24
CA PRO A 332 -17.00 0.42 -5.35
C PRO A 332 -17.68 1.22 -6.45
N TRP A 333 -17.09 2.36 -6.84
CA TRP A 333 -17.60 3.19 -7.93
C TRP A 333 -16.92 2.91 -9.27
N HIS A 334 -16.19 1.79 -9.39
CA HIS A 334 -15.38 1.51 -10.56
C HIS A 334 -16.16 1.58 -11.88
N ASP A 335 -15.63 2.35 -12.82
CA ASP A 335 -16.14 2.43 -14.19
C ASP A 335 -15.06 2.02 -15.16
N SER A 336 -15.28 0.91 -15.87
CA SER A 336 -14.25 0.46 -16.79
C SER A 336 -14.11 1.40 -17.97
N GLN A 337 -15.20 2.07 -18.37
CA GLN A 337 -15.19 2.90 -19.55
C GLN A 337 -14.61 4.29 -19.29
N GLU A 338 -14.11 4.54 -18.08
CA GLU A 338 -13.61 5.87 -17.73
C GLU A 338 -12.20 6.11 -18.23
N ASP A 339 -11.31 5.13 -18.10
CA ASP A 339 -9.94 5.29 -18.53
C ASP A 339 -9.59 4.16 -19.51
N PRO A 340 -8.98 4.48 -20.63
CA PRO A 340 -8.53 3.42 -21.55
C PRO A 340 -7.27 2.70 -21.06
N VAL A 341 -6.36 3.47 -20.47
CA VAL A 341 -5.06 2.93 -20.02
C VAL A 341 -5.28 1.90 -18.92
N SER A 342 -6.02 2.28 -17.87
CA SER A 342 -6.33 1.31 -16.83
C SER A 342 -6.85 0.04 -17.47
N THR A 343 -7.89 0.16 -18.31
CA THR A 343 -8.50 -0.99 -18.96
C THR A 343 -7.49 -1.86 -19.68
N GLU A 344 -6.46 -1.25 -20.28
CA GLU A 344 -5.45 -2.04 -20.98
C GLU A 344 -4.58 -2.81 -19.99
N LEU A 345 -3.99 -2.12 -19.01
CA LEU A 345 -3.14 -2.84 -18.06
C LEU A 345 -3.92 -3.92 -17.32
N ILE A 346 -5.14 -3.60 -16.88
CA ILE A 346 -5.86 -4.57 -16.07
C ILE A 346 -6.47 -5.65 -16.96
N TYR A 347 -6.68 -5.38 -18.26
CA TYR A 347 -7.00 -6.45 -19.18
C TYR A 347 -5.86 -7.47 -19.25
N HIS A 348 -4.66 -7.00 -19.58
CA HIS A 348 -3.50 -7.89 -19.57
C HIS A 348 -3.38 -8.66 -18.26
N GLN A 349 -3.33 -7.92 -17.14
CA GLN A 349 -3.24 -8.55 -15.83
C GLN A 349 -4.27 -9.67 -15.63
N VAL A 350 -5.50 -9.43 -16.09
CA VAL A 350 -6.53 -10.47 -16.03
C VAL A 350 -6.13 -11.67 -16.86
N LEU A 351 -5.78 -11.46 -18.13
CA LEU A 351 -5.55 -12.60 -19.01
C LEU A 351 -4.37 -13.43 -18.53
N ARG A 352 -3.25 -12.78 -18.18
CA ARG A 352 -2.16 -13.51 -17.54
C ARG A 352 -2.67 -14.31 -16.35
N GLY A 353 -3.49 -13.68 -15.50
CA GLY A 353 -4.07 -14.38 -14.36
C GLY A 353 -4.89 -15.60 -14.73
N VAL A 354 -5.53 -15.60 -15.89
CA VAL A 354 -6.26 -16.79 -16.32
C VAL A 354 -5.29 -17.85 -16.80
N TRP A 355 -4.23 -17.41 -17.49
CA TRP A 355 -3.17 -18.31 -17.91
C TRP A 355 -2.54 -19.04 -16.73
N SER A 356 -2.28 -18.30 -15.63
CA SER A 356 -1.57 -18.87 -14.49
C SER A 356 -2.47 -19.72 -13.60
N GLY A 357 -3.76 -19.42 -13.54
CA GLY A 357 -4.63 -20.02 -12.56
C GLY A 357 -4.84 -19.20 -11.30
N GLU A 358 -4.27 -17.99 -11.24
CA GLU A 358 -4.59 -17.07 -10.15
C GLU A 358 -6.09 -16.86 -10.10
N TYR A 359 -6.64 -16.30 -11.17
CA TYR A 359 -8.07 -16.08 -11.29
C TYR A 359 -8.66 -17.36 -11.86
N ASN A 360 -9.42 -18.09 -11.03
CA ASN A 360 -9.81 -19.44 -11.36
C ASN A 360 -11.32 -19.50 -11.49
N PHE A 361 -11.80 -20.05 -12.61
CA PHE A 361 -13.21 -20.04 -12.97
C PHE A 361 -13.98 -21.14 -12.25
N GLU A 362 -15.23 -20.85 -11.91
CA GLU A 362 -16.10 -21.86 -11.34
C GLU A 362 -17.08 -22.46 -12.35
N LYS A 363 -17.20 -21.89 -13.55
CA LYS A 363 -18.17 -22.38 -14.52
C LYS A 363 -17.61 -22.18 -15.92
N GLU A 364 -17.80 -23.20 -16.77
CA GLU A 364 -17.09 -23.23 -18.04
C GLU A 364 -17.51 -22.09 -18.97
N GLU A 365 -18.83 -21.84 -19.07
CA GLU A 365 -19.34 -20.84 -19.99
C GLU A 365 -18.63 -19.50 -19.81
N GLU A 366 -18.30 -19.15 -18.56
CA GLU A 366 -17.57 -17.92 -18.29
C GLU A 366 -16.20 -17.92 -18.97
N LEU A 367 -15.46 -19.01 -18.82
CA LEU A 367 -14.16 -19.11 -19.49
C LEU A 367 -14.31 -19.01 -21.00
N VAL A 368 -15.30 -19.73 -21.55
CA VAL A 368 -15.56 -19.64 -22.98
C VAL A 368 -15.78 -18.20 -23.39
N GLU A 369 -16.58 -17.46 -22.62
CA GLU A 369 -16.88 -16.09 -23.00
C GLU A 369 -15.64 -15.22 -22.95
N LEU A 370 -14.78 -15.42 -21.94
CA LEU A 370 -13.54 -14.64 -21.88
C LEU A 370 -12.65 -14.91 -23.09
N LEU A 371 -12.49 -16.18 -23.45
CA LEU A 371 -11.69 -16.51 -24.63
C LEU A 371 -12.28 -15.90 -25.87
N ALA A 372 -13.61 -15.98 -26.02
CA ALA A 372 -14.29 -15.39 -27.17
C ALA A 372 -14.03 -13.90 -27.26
N ARG A 373 -14.24 -13.17 -26.15
CA ARG A 373 -13.90 -11.76 -26.09
C ARG A 373 -12.46 -11.53 -26.53
N HIS A 374 -11.54 -12.32 -25.98
CA HIS A 374 -10.13 -12.17 -26.34
C HIS A 374 -9.93 -12.32 -27.84
N CYS A 375 -10.62 -13.28 -28.46
CA CYS A 375 -10.52 -13.45 -29.90
C CYS A 375 -11.05 -12.22 -30.65
N TYR A 376 -12.19 -11.69 -30.24
CA TYR A 376 -12.65 -10.45 -30.86
C TYR A 376 -11.60 -9.36 -30.75
N VAL A 377 -10.95 -9.27 -29.58
CA VAL A 377 -9.93 -8.24 -29.37
C VAL A 377 -8.74 -8.44 -30.28
N GLN A 378 -8.31 -9.69 -30.46
CA GLN A 378 -7.15 -9.99 -31.29
C GLN A 378 -7.50 -10.36 -32.73
N LEU A 379 -8.77 -10.62 -33.05
CA LEU A 379 -9.14 -11.15 -34.37
C LEU A 379 -10.28 -10.33 -34.97
N GLY A 380 -11.40 -10.22 -34.27
CA GLY A 380 -12.61 -9.58 -34.80
C GLY A 380 -13.65 -10.55 -35.32
N ALA A 381 -14.44 -10.12 -36.31
CA ALA A 381 -15.50 -10.96 -36.85
C ALA A 381 -15.01 -12.05 -37.81
N THR A 382 -13.70 -12.15 -38.05
CA THR A 382 -13.14 -13.23 -38.85
C THR A 382 -12.93 -14.45 -37.96
N VAL A 383 -13.54 -15.57 -38.34
CA VAL A 383 -13.41 -16.82 -37.60
C VAL A 383 -12.63 -17.83 -38.44
N LYS A 384 -11.37 -18.04 -38.11
CA LYS A 384 -10.52 -19.00 -38.78
C LYS A 384 -9.85 -19.83 -37.71
N SER A 385 -10.17 -21.13 -37.65
CA SER A 385 -9.66 -21.95 -36.55
C SER A 385 -8.16 -22.10 -36.58
N ASN A 386 -7.50 -21.68 -37.67
CA ASN A 386 -6.04 -21.62 -37.68
C ASN A 386 -5.55 -20.54 -36.72
N ALA A 387 -6.28 -19.41 -36.61
CA ALA A 387 -5.96 -18.39 -35.64
C ALA A 387 -6.51 -18.73 -34.25
N VAL A 388 -7.72 -19.29 -34.20
CA VAL A 388 -8.36 -19.55 -32.92
C VAL A 388 -7.66 -20.70 -32.20
N GLN A 389 -7.51 -21.83 -32.88
CA GLN A 389 -6.76 -22.95 -32.32
C GLN A 389 -5.32 -22.56 -32.04
N GLU A 390 -4.85 -21.43 -32.59
CA GLU A 390 -3.55 -20.90 -32.21
C GLU A 390 -3.61 -20.12 -30.90
N LEU A 391 -4.64 -19.28 -30.69
CA LEU A 391 -4.67 -18.47 -29.47
C LEU A 391 -5.01 -19.30 -28.25
N LEU A 392 -5.99 -20.20 -28.36
CA LEU A 392 -6.50 -20.91 -27.19
C LEU A 392 -5.44 -21.62 -26.35
N PRO A 393 -4.45 -22.32 -26.92
CA PRO A 393 -3.40 -22.89 -26.07
C PRO A 393 -2.65 -21.85 -25.24
N SER A 394 -2.47 -20.64 -25.78
CA SER A 394 -1.75 -19.58 -25.09
C SER A 394 -2.56 -18.93 -23.98
N CYS A 395 -3.89 -18.86 -24.13
CA CYS A 395 -4.76 -18.20 -23.17
C CYS A 395 -5.22 -19.15 -22.06
N VAL A 396 -5.91 -20.22 -22.41
CA VAL A 396 -6.31 -21.27 -21.47
C VAL A 396 -5.07 -21.76 -20.74
N PRO A 397 -5.14 -22.02 -19.44
CA PRO A 397 -3.99 -22.63 -18.75
C PRO A 397 -3.71 -24.02 -19.27
N SER A 398 -2.52 -24.52 -18.94
CA SER A 398 -2.13 -25.87 -19.37
C SER A 398 -3.05 -26.93 -18.77
N LYS A 399 -3.30 -26.83 -17.46
CA LYS A 399 -4.12 -27.82 -16.76
C LYS A 399 -5.47 -28.00 -17.45
N LEU A 400 -6.12 -26.92 -17.85
CA LEU A 400 -7.41 -27.05 -18.51
C LEU A 400 -7.29 -27.36 -19.99
N TYR A 401 -6.38 -26.70 -20.71
CA TYR A 401 -6.29 -26.94 -22.15
C TYR A 401 -5.98 -28.39 -22.45
N ARG A 402 -5.31 -29.09 -21.53
CA ARG A 402 -5.09 -30.52 -21.69
C ARG A 402 -6.35 -31.34 -21.39
N THR A 403 -7.38 -30.74 -20.78
CA THR A 403 -8.54 -31.52 -20.36
C THR A 403 -9.37 -32.01 -21.53
N LYS A 404 -9.28 -31.39 -22.69
CA LYS A 404 -10.06 -31.86 -23.83
C LYS A 404 -9.43 -31.37 -25.12
N SER A 405 -10.05 -31.77 -26.23
CA SER A 405 -9.43 -31.60 -27.53
C SER A 405 -9.40 -30.13 -27.95
N PRO A 406 -8.39 -29.72 -28.72
CA PRO A 406 -8.42 -28.37 -29.32
C PRO A 406 -9.54 -28.20 -30.33
N GLU A 407 -10.12 -29.28 -30.82
CA GLU A 407 -11.26 -29.15 -31.73
C GLU A 407 -12.51 -28.71 -30.97
N LYS A 408 -12.79 -29.38 -29.85
CA LYS A 408 -13.91 -28.94 -29.01
C LYS A 408 -13.66 -27.56 -28.43
N TRP A 409 -12.39 -27.25 -28.13
CA TRP A 409 -12.04 -25.95 -27.56
C TRP A 409 -12.25 -24.81 -28.56
N ALA A 410 -11.60 -24.90 -29.74
CA ALA A 410 -11.81 -23.88 -30.75
C ALA A 410 -13.27 -23.81 -31.18
N SER A 411 -13.96 -24.97 -31.20
CA SER A 411 -15.36 -24.97 -31.59
C SER A 411 -16.24 -24.25 -30.57
N LEU A 412 -15.99 -24.43 -29.27
CA LEU A 412 -16.81 -23.76 -28.27
C LEU A 412 -16.52 -22.26 -28.20
N VAL A 413 -15.25 -21.89 -28.32
CA VAL A 413 -14.90 -20.47 -28.31
C VAL A 413 -15.50 -19.77 -29.52
N THR A 414 -15.38 -20.39 -30.69
CA THR A 414 -15.97 -19.79 -31.89
C THR A 414 -17.49 -19.79 -31.80
N ALA A 415 -18.08 -20.78 -31.13
CA ALA A 415 -19.53 -20.82 -30.97
C ALA A 415 -20.03 -19.63 -30.14
N ALA A 416 -19.49 -19.45 -28.94
CA ALA A 416 -19.86 -18.28 -28.15
C ALA A 416 -19.51 -16.99 -28.87
N HIS A 417 -18.43 -17.01 -29.68
CA HIS A 417 -18.02 -15.83 -30.43
C HIS A 417 -19.10 -15.42 -31.40
N ALA A 418 -19.56 -16.36 -32.24
CA ALA A 418 -20.62 -16.05 -33.19
C ALA A 418 -21.89 -15.64 -32.46
N LYS A 419 -22.22 -16.29 -31.34
CA LYS A 419 -23.47 -16.01 -30.65
C LYS A 419 -23.52 -14.57 -30.15
N ALA A 420 -22.54 -14.17 -29.33
CA ALA A 420 -22.67 -12.86 -28.68
C ALA A 420 -22.28 -11.68 -29.58
N GLN A 421 -21.41 -11.88 -30.57
CA GLN A 421 -20.79 -10.75 -31.27
C GLN A 421 -21.60 -10.27 -32.47
N TYR A 422 -22.87 -10.67 -32.56
CA TYR A 422 -23.70 -10.39 -33.74
C TYR A 422 -23.58 -8.95 -34.22
N THR A 423 -23.30 -8.01 -33.31
CA THR A 423 -22.98 -6.63 -33.72
C THR A 423 -21.75 -6.57 -34.60
N GLN A 424 -20.83 -7.52 -34.45
CA GLN A 424 -19.58 -7.53 -35.23
C GLN A 424 -18.77 -6.24 -35.02
N ALA A 427 -18.58 -3.08 -32.21
CA ALA A 427 -17.93 -2.93 -30.90
C ALA A 427 -16.45 -2.63 -31.06
N THR A 428 -15.99 -1.55 -30.43
CA THR A 428 -14.56 -1.28 -30.40
C THR A 428 -13.86 -2.34 -29.57
N PRO A 429 -12.60 -2.64 -29.87
CA PRO A 429 -11.89 -3.58 -29.01
C PRO A 429 -11.87 -3.10 -27.56
N LEU A 430 -11.76 -1.78 -27.33
CA LEU A 430 -11.85 -1.26 -25.97
C LEU A 430 -13.11 -1.74 -25.29
N ALA A 431 -14.23 -1.70 -26.00
CA ALA A 431 -15.50 -2.09 -25.39
C ALA A 431 -15.40 -3.51 -24.83
N VAL A 432 -14.88 -4.43 -25.64
CA VAL A 432 -14.75 -5.82 -25.23
C VAL A 432 -13.78 -5.96 -24.05
N ARG A 433 -12.66 -5.23 -24.09
CA ARG A 433 -11.72 -5.24 -22.96
C ARG A 433 -12.38 -4.72 -21.68
N GLU A 434 -13.15 -3.64 -21.78
CA GLU A 434 -13.86 -3.12 -20.62
C GLU A 434 -14.84 -4.16 -20.11
N GLN A 435 -15.53 -4.83 -21.03
CA GLN A 435 -16.47 -5.88 -20.67
C GLN A 435 -15.79 -6.99 -19.88
N THR A 436 -14.61 -7.39 -20.31
CA THR A 436 -13.93 -8.47 -19.58
C THR A 436 -13.34 -7.97 -18.27
N VAL A 437 -13.03 -6.67 -18.16
CA VAL A 437 -12.60 -6.11 -16.88
C VAL A 437 -13.77 -6.10 -15.91
N GLU A 438 -14.92 -5.59 -16.34
CA GLU A 438 -16.12 -5.63 -15.54
C GLU A 438 -16.46 -7.06 -15.12
N ALA A 439 -16.36 -7.99 -16.06
CA ALA A 439 -16.60 -9.39 -15.73
C ALA A 439 -15.69 -9.84 -14.60
N ALA A 440 -14.38 -9.57 -14.72
CA ALA A 440 -13.44 -9.93 -13.67
C ALA A 440 -13.86 -9.34 -12.33
N ARG A 441 -14.13 -8.03 -12.30
CA ARG A 441 -14.49 -7.35 -11.07
C ARG A 441 -15.65 -8.02 -10.37
N LEU A 442 -16.62 -8.49 -11.16
CA LEU A 442 -17.75 -9.17 -10.53
C LEU A 442 -17.36 -10.57 -10.05
N LEU A 443 -16.62 -11.31 -10.89
CA LEU A 443 -16.39 -12.73 -10.63
C LEU A 443 -15.52 -12.95 -9.42
N TRP A 444 -14.46 -12.15 -9.27
CA TRP A 444 -13.45 -12.36 -8.23
C TRP A 444 -13.38 -11.12 -7.34
N PRO A 445 -14.34 -10.94 -6.43
CA PRO A 445 -14.20 -9.86 -5.46
C PRO A 445 -13.10 -10.14 -4.45
N LEU A 446 -12.89 -11.40 -4.05
CA LEU A 446 -11.92 -11.67 -3.00
C LEU A 446 -10.48 -11.60 -3.51
N LEU A 447 -10.22 -11.99 -4.76
CA LEU A 447 -8.85 -11.97 -5.23
C LEU A 447 -8.39 -10.55 -5.53
N PHE A 448 -9.32 -9.62 -5.74
CA PHE A 448 -9.08 -8.20 -5.97
C PHE A 448 -9.23 -7.37 -4.70
N SER A 449 -9.10 -8.00 -3.54
CA SER A 449 -9.21 -7.38 -2.23
C SER A 449 -7.83 -7.06 -1.69
N ARG A 450 -7.74 -6.01 -0.86
CA ARG A 450 -6.56 -5.79 -0.03
C ARG A 450 -6.72 -6.56 1.28
N LEU A 451 -5.74 -7.41 1.57
CA LEU A 451 -5.75 -8.30 2.72
C LEU A 451 -4.93 -7.78 3.89
N PHE A 452 -5.46 -7.98 5.10
CA PHE A 452 -4.89 -7.56 6.36
C PHE A 452 -4.99 -8.72 7.33
N GLU A 453 -4.15 -8.71 8.35
CA GLU A 453 -4.19 -9.75 9.37
C GLU A 453 -4.80 -9.06 10.57
N VAL A 454 -5.85 -9.65 11.13
CA VAL A 454 -6.53 -9.05 12.26
C VAL A 454 -6.88 -10.12 13.28
N THR A 455 -6.84 -9.77 14.57
CA THR A 455 -7.16 -10.73 15.63
C THR A 455 -8.34 -10.19 16.43
N THR A 456 -9.46 -10.92 16.42
CA THR A 456 -10.66 -10.46 17.10
C THR A 456 -10.51 -10.54 18.61
N LEU A 457 -10.96 -9.48 19.28
CA LEU A 457 -10.98 -9.41 20.74
C LEU A 457 -12.36 -9.64 21.33
N SER A 458 -13.36 -8.91 20.86
CA SER A 458 -14.71 -9.06 21.39
C SER A 458 -15.75 -8.89 20.30
N GLY A 459 -16.49 -9.95 20.03
CA GLY A 459 -17.56 -9.87 19.08
C GLY A 459 -18.39 -11.13 19.03
N PRO A 460 -19.59 -11.02 18.50
CA PRO A 460 -20.41 -12.21 18.31
C PRO A 460 -20.56 -12.49 16.81
N ARG A 461 -20.68 -13.76 16.43
CA ARG A 461 -20.84 -14.24 15.05
C ARG A 461 -19.47 -14.35 14.35
N LEU A 462 -18.38 -13.92 14.99
CA LEU A 462 -17.03 -14.00 14.45
C LEU A 462 -16.19 -14.65 15.53
N PRO A 463 -16.36 -15.95 15.74
CA PRO A 463 -15.66 -16.61 16.86
C PRO A 463 -14.16 -16.58 16.74
N LYS A 464 -13.64 -16.71 15.52
CA LYS A 464 -12.20 -16.82 15.37
C LYS A 464 -11.50 -15.65 16.06
N THR A 465 -10.31 -15.93 16.58
CA THR A 465 -9.48 -14.93 17.21
C THR A 465 -8.21 -14.58 16.42
N GLN A 466 -7.89 -15.29 15.34
CA GLN A 466 -6.81 -14.87 14.43
C GLN A 466 -7.31 -15.04 13.00
N LEU A 467 -7.42 -13.93 12.26
CA LEU A 467 -8.22 -13.86 11.04
C LEU A 467 -7.53 -13.03 9.95
N VAL A 468 -8.15 -13.01 8.78
CA VAL A 468 -7.65 -12.23 7.64
C VAL A 468 -8.79 -11.40 7.07
N LEU A 469 -8.72 -10.07 7.22
CA LEU A 469 -9.72 -9.17 6.69
C LEU A 469 -9.36 -8.73 5.27
N ALA A 470 -10.24 -9.03 4.32
CA ALA A 470 -10.09 -8.62 2.92
C ALA A 470 -11.13 -7.56 2.60
N ILE A 471 -10.67 -6.35 2.29
CA ILE A 471 -11.57 -5.26 1.93
C ILE A 471 -11.53 -5.09 0.42
N ASN A 472 -12.69 -4.91 -0.17
CA ASN A 472 -12.79 -4.84 -1.62
C ASN A 472 -14.05 -4.05 -1.95
N TRP A 473 -14.39 -4.00 -3.24
CA TRP A 473 -15.49 -3.16 -3.71
C TRP A 473 -16.85 -3.66 -3.22
N LYS A 474 -17.01 -4.97 -3.06
CA LYS A 474 -18.30 -5.48 -2.61
C LYS A 474 -18.52 -5.22 -1.14
N GLY A 475 -17.46 -5.34 -0.33
CA GLY A 475 -17.56 -5.00 1.08
C GLY A 475 -16.36 -5.50 1.87
N MET A 476 -16.54 -5.54 3.19
CA MET A 476 -15.57 -6.14 4.09
C MET A 476 -15.83 -7.63 4.23
N TYR A 477 -14.76 -8.43 4.23
CA TYR A 477 -14.91 -9.88 4.32
C TYR A 477 -13.88 -10.45 5.29
N PHE A 478 -14.33 -11.15 6.32
CA PHE A 478 -13.45 -11.75 7.31
C PHE A 478 -13.19 -13.21 6.96
N LEU A 479 -11.91 -13.59 6.95
CA LEU A 479 -11.46 -14.84 6.34
C LEU A 479 -10.83 -15.78 7.34
N ASP A 480 -11.33 -17.02 7.33
CA ASP A 480 -10.74 -18.16 8.01
C ASP A 480 -9.27 -18.30 7.63
N GLN A 481 -8.43 -18.69 8.59
CA GLN A 481 -7.05 -19.05 8.25
C GLN A 481 -6.98 -20.15 7.19
N LYS A 482 -8.04 -20.96 7.07
CA LYS A 482 -8.20 -21.97 6.03
C LYS A 482 -8.97 -21.45 4.82
N GLU A 483 -9.26 -20.15 4.77
CA GLU A 483 -9.79 -19.38 3.64
C GLU A 483 -11.32 -19.37 3.50
N ARG A 484 -12.08 -20.04 4.37
CA ARG A 484 -13.54 -19.91 4.32
C ARG A 484 -13.99 -18.56 4.89
N THR A 485 -14.94 -17.90 4.23
CA THR A 485 -15.37 -16.59 4.70
C THR A 485 -16.31 -16.75 5.90
N LEU A 486 -15.97 -16.14 7.04
CA LEU A 486 -16.80 -16.20 8.24
C LEU A 486 -17.89 -15.13 8.28
N LEU A 487 -17.59 -13.89 7.91
CA LEU A 487 -18.56 -12.79 8.04
C LEU A 487 -18.43 -11.79 6.91
N GLY A 488 -19.54 -11.53 6.19
CA GLY A 488 -19.60 -10.46 5.22
C GLY A 488 -20.29 -9.19 5.71
N LEU A 489 -19.83 -8.03 5.20
CA LEU A 489 -20.38 -6.73 5.55
C LEU A 489 -20.37 -5.83 4.33
N SER A 490 -21.51 -5.22 4.05
CA SER A 490 -21.58 -4.15 3.06
C SER A 490 -21.24 -2.82 3.72
N PHE A 491 -20.66 -1.90 2.95
CA PHE A 491 -20.33 -0.60 3.51
C PHE A 491 -21.57 0.17 3.97
N ALA A 492 -22.71 -0.07 3.34
CA ALA A 492 -23.97 0.46 3.83
C ALA A 492 -24.29 -0.03 5.24
N GLU A 493 -23.71 -1.15 5.66
CA GLU A 493 -23.91 -1.73 6.98
C GLU A 493 -22.86 -1.28 7.99
N VAL A 494 -21.88 -0.49 7.57
CA VAL A 494 -20.73 -0.10 8.38
C VAL A 494 -21.04 1.20 9.09
N MET A 495 -21.23 1.15 10.41
CA MET A 495 -21.59 2.34 11.17
C MET A 495 -20.41 3.02 11.86
N GLY A 496 -19.26 2.39 11.92
CA GLY A 496 -18.04 3.14 12.17
C GLY A 496 -16.84 2.25 12.31
N LEU A 497 -15.68 2.76 11.95
CA LEU A 497 -14.44 2.01 12.06
C LEU A 497 -13.36 2.96 12.52
N VAL A 498 -12.80 2.70 13.69
CA VAL A 498 -11.88 3.65 14.32
C VAL A 498 -10.66 2.91 14.83
N ALA A 499 -9.50 3.58 14.77
CA ALA A 499 -8.26 3.02 15.28
C ALA A 499 -7.82 3.77 16.53
N ASN A 500 -7.37 3.03 17.54
CA ASN A 500 -7.00 3.63 18.81
C ASN A 500 -5.51 3.58 19.09
N LYS A 507 -3.10 0.08 19.42
CA LYS A 507 -3.18 -0.60 18.13
C LYS A 507 -4.46 -1.42 18.01
N LYS A 508 -5.56 -0.91 18.56
CA LYS A 508 -6.85 -1.59 18.49
C LYS A 508 -7.74 -0.94 17.44
N LEU A 509 -8.89 -1.58 17.20
CA LEU A 509 -9.81 -1.19 16.13
C LEU A 509 -11.25 -1.45 16.57
N LEU A 510 -12.11 -0.46 16.44
CA LEU A 510 -13.51 -0.56 16.84
C LEU A 510 -14.37 -0.50 15.61
N LEU A 511 -14.96 -1.65 15.26
CA LEU A 511 -15.86 -1.77 14.12
C LEU A 511 -17.30 -1.90 14.63
N ALA A 512 -18.14 -0.93 14.33
CA ALA A 512 -19.55 -0.99 14.68
C ALA A 512 -20.38 -1.13 13.42
N THR A 513 -21.20 -2.17 13.36
CA THR A 513 -22.14 -2.36 12.27
C THR A 513 -23.52 -1.94 12.74
N LEU A 514 -24.50 -2.04 11.84
CA LEU A 514 -25.89 -1.79 12.19
C LEU A 514 -26.40 -2.64 13.35
N GLN A 515 -25.92 -3.87 13.49
CA GLN A 515 -26.36 -4.77 14.56
C GLN A 515 -25.32 -5.14 15.60
N GLU A 516 -24.12 -5.53 15.22
CA GLU A 516 -23.12 -5.98 16.18
C GLU A 516 -21.92 -5.04 16.22
N GLU A 517 -21.32 -4.89 17.40
CA GLU A 517 -20.12 -4.09 17.57
C GLU A 517 -18.98 -5.05 17.90
N TYR A 518 -17.79 -4.77 17.35
CA TYR A 518 -16.62 -5.62 17.57
C TYR A 518 -15.42 -4.76 17.94
N GLU A 519 -14.37 -5.46 18.41
CA GLU A 519 -13.08 -4.84 18.70
C GLU A 519 -12.04 -5.83 18.22
N PHE A 520 -11.02 -5.30 17.54
CA PHE A 520 -9.94 -6.06 16.94
C PHE A 520 -8.57 -5.50 17.28
N VAL A 521 -7.54 -6.34 17.28
CA VAL A 521 -6.16 -5.84 17.37
C VAL A 521 -5.53 -6.40 16.10
N SER A 522 -5.19 -5.51 15.16
CA SER A 522 -4.33 -5.71 14.02
C SER A 522 -3.26 -4.64 13.89
N PRO A 523 -2.12 -4.96 13.30
CA PRO A 523 -1.09 -3.92 13.13
C PRO A 523 -1.52 -2.86 12.14
N SER A 524 -2.20 -3.23 11.06
CA SER A 524 -2.56 -2.27 10.01
C SER A 524 -3.80 -1.45 10.33
N SER A 525 -4.34 -1.54 11.56
CA SER A 525 -5.65 -0.96 11.88
C SER A 525 -5.91 0.45 11.34
N VAL A 526 -4.96 1.36 11.55
CA VAL A 526 -5.07 2.71 10.97
C VAL A 526 -5.41 2.63 9.50
N ALA A 527 -4.50 2.04 8.71
CA ALA A 527 -4.74 1.79 7.30
C ALA A 527 -6.11 1.20 7.04
N ILE A 528 -6.47 0.14 7.77
CA ILE A 528 -7.72 -0.52 7.44
C ILE A 528 -8.90 0.32 7.88
N ALA A 529 -8.72 1.22 8.84
CA ALA A 529 -9.77 2.19 9.10
C ALA A 529 -9.76 3.30 8.06
N GLU A 530 -8.60 3.61 7.48
CA GLU A 530 -8.54 4.63 6.45
C GLU A 530 -9.21 4.15 5.18
N MET A 531 -8.85 2.95 4.70
CA MET A 531 -9.34 2.49 3.41
C MET A 531 -10.86 2.46 3.38
N VAL A 532 -11.47 1.90 4.44
CA VAL A 532 -12.93 1.87 4.54
C VAL A 532 -13.49 3.28 4.51
N ALA A 533 -12.88 4.20 5.25
CA ALA A 533 -13.26 5.60 5.17
C ALA A 533 -13.22 6.09 3.72
N LEU A 534 -12.10 5.85 3.03
CA LEU A 534 -12.01 6.24 1.63
C LEU A 534 -13.15 5.63 0.81
N PHE A 535 -13.55 4.42 1.13
CA PHE A 535 -14.63 3.84 0.36
C PHE A 535 -15.97 4.40 0.77
N LEU A 536 -16.14 4.75 2.04
CA LEU A 536 -17.45 5.20 2.47
C LEU A 536 -17.70 6.59 1.94
N GLY A 537 -16.85 7.53 2.31
CA GLY A 537 -16.96 8.83 1.71
C GLY A 537 -17.14 8.80 0.21
N GLY A 538 -16.46 7.88 -0.48
CA GLY A 538 -16.60 7.79 -1.92
C GLY A 538 -18.04 7.57 -2.29
N LEU A 539 -18.57 6.44 -1.80
CA LEU A 539 -19.96 6.10 -2.03
C LEU A 539 -20.88 7.24 -1.61
N LYS A 540 -20.59 7.86 -0.45
CA LYS A 540 -21.50 8.86 0.11
C LYS A 540 -21.63 10.03 -0.85
N GLU A 541 -20.52 10.41 -1.49
CA GLU A 541 -20.57 11.54 -2.40
C GLU A 541 -21.35 11.18 -3.65
N ARG A 542 -21.19 9.96 -4.14
CA ARG A 542 -22.01 9.46 -5.24
C ARG A 542 -23.40 8.96 -4.86
N SER A 543 -23.80 9.01 -3.60
CA SER A 543 -25.07 8.41 -3.25
C SER A 543 -26.19 9.36 -3.63
N VAL A 544 -27.12 8.83 -4.43
CA VAL A 544 -28.36 9.52 -4.74
C VAL A 544 -29.50 9.02 -3.85
N PHE A 545 -29.21 8.10 -2.94
CA PHE A 545 -30.21 7.49 -2.07
C PHE A 545 -30.09 8.06 -0.68
N ALA A 546 -31.23 8.22 -0.03
CA ALA A 546 -31.25 8.76 1.31
C ALA A 546 -32.45 8.17 2.04
N MET A 547 -32.38 8.17 3.35
CA MET A 547 -33.50 7.81 4.21
C MET A 547 -33.94 9.05 4.97
N ALA A 548 -35.25 9.18 5.16
CA ALA A 548 -35.81 10.30 5.92
C ALA A 548 -35.61 10.08 7.41
N LEU A 549 -35.42 11.18 8.14
CA LEU A 549 -35.21 11.09 9.58
C LEU A 549 -36.53 11.44 10.28
N GLN A 550 -36.88 12.72 10.35
CA GLN A 550 -38.16 13.08 10.93
C GLN A 550 -39.22 13.07 9.82
N ASP A 551 -40.47 13.35 10.20
CA ASP A 551 -41.56 13.35 9.24
C ASP A 551 -41.83 14.75 8.72
N ARG A 552 -42.59 14.81 7.63
CA ARG A 552 -43.22 16.05 7.17
C ARG A 552 -44.60 15.67 6.66
N ARG A 553 -45.64 16.13 7.35
CA ARG A 553 -47.01 15.90 6.91
C ARG A 553 -47.33 16.84 5.76
N ALA A 554 -48.08 16.35 4.79
CA ALA A 554 -48.41 17.13 3.60
C ALA A 554 -49.15 18.41 3.98
N THR A 555 -48.98 19.46 3.17
CA THR A 555 -49.62 20.77 3.34
C THR A 555 -50.43 21.14 2.10
N ASP A 556 -51.12 22.28 2.19
CA ASP A 556 -51.72 22.89 1.01
C ASP A 556 -50.65 23.24 -0.01
N ASP A 557 -49.40 23.38 0.44
CA ASP A 557 -48.25 23.67 -0.43
C ASP A 557 -47.84 22.37 -1.10
N ILE A 558 -48.01 22.29 -2.43
CA ILE A 558 -47.69 21.05 -3.13
C ILE A 558 -46.24 21.03 -3.59
N THR A 559 -45.49 22.09 -3.29
CA THR A 559 -44.05 22.09 -3.51
C THR A 559 -43.32 21.20 -2.51
N LEU A 560 -43.83 21.09 -1.29
CA LEU A 560 -43.17 20.24 -0.31
C LEU A 560 -43.42 18.76 -0.59
N LEU A 561 -42.45 17.93 -0.20
CA LEU A 561 -42.54 16.48 -0.36
C LEU A 561 -43.03 15.84 0.92
N PRO A 562 -44.11 15.06 0.89
CA PRO A 562 -44.51 14.32 2.09
C PRO A 562 -43.63 13.10 2.32
N PHE A 563 -43.31 12.85 3.59
CA PHE A 563 -42.65 11.58 3.90
C PHE A 563 -42.86 11.26 5.39
N LYS A 564 -42.67 9.98 5.72
CA LYS A 564 -42.66 9.52 7.09
C LYS A 564 -41.21 9.26 7.52
N LYS A 565 -41.03 8.87 8.77
CA LYS A 565 -39.68 8.50 9.21
C LYS A 565 -39.22 7.27 8.45
N GLY A 566 -37.91 7.18 8.23
CA GLY A 566 -37.34 6.02 7.59
C GLY A 566 -37.76 5.81 6.15
N ASP A 567 -38.36 6.80 5.51
CA ASP A 567 -38.74 6.66 4.13
C ASP A 567 -37.50 6.51 3.27
N LEU A 568 -37.65 5.85 2.12
CA LEU A 568 -36.58 5.85 1.14
C LEU A 568 -36.82 6.99 0.17
N LEU A 569 -36.00 8.01 0.30
CA LEU A 569 -36.01 9.13 -0.59
C LEU A 569 -34.94 8.87 -1.64
N ILE A 570 -35.32 8.99 -2.90
CA ILE A 570 -34.38 8.97 -4.01
C ILE A 570 -34.19 10.39 -4.47
N LEU A 571 -32.95 10.82 -4.64
CA LEU A 571 -32.67 12.24 -4.60
C LEU A 571 -32.53 12.88 -5.98
N THR A 572 -32.90 12.17 -7.04
CA THR A 572 -33.18 12.78 -8.36
C THR A 572 -32.05 13.67 -8.86
N LYS A 573 -30.98 13.00 -9.29
CA LYS A 573 -29.83 13.61 -9.93
C LYS A 573 -29.24 14.71 -9.06
N LYS A 574 -29.43 14.56 -7.77
CA LYS A 574 -28.62 15.24 -6.79
C LYS A 574 -27.64 14.18 -6.32
N GLN A 575 -26.38 14.31 -6.69
CA GLN A 575 -25.33 13.58 -6.00
C GLN A 575 -25.30 14.05 -4.55
N GLY A 576 -25.30 13.12 -3.61
CA GLY A 576 -25.19 13.45 -2.20
C GLY A 576 -24.01 14.35 -1.88
N LEU A 577 -23.04 14.47 -2.82
CA LEU A 577 -21.96 15.45 -2.72
C LEU A 577 -22.53 16.83 -2.52
N LEU A 578 -23.59 17.18 -3.24
CA LEU A 578 -24.02 18.57 -3.20
C LEU A 578 -24.97 18.72 -2.00
N ALA A 579 -24.30 18.91 -0.86
CA ALA A 579 -24.83 19.27 0.44
C ALA A 579 -24.42 20.68 0.84
N SER A 580 -23.66 21.36 0.00
CA SER A 580 -23.49 22.80 0.16
C SER A 580 -24.84 23.49 0.26
N GLU A 581 -25.80 23.12 -0.60
CA GLU A 581 -27.15 23.64 -0.57
C GLU A 581 -27.93 22.94 0.55
N ASN A 582 -28.95 23.61 1.08
CA ASN A 582 -29.75 23.03 2.15
C ASN A 582 -31.04 22.39 1.67
N TRP A 583 -31.33 22.47 0.38
CA TRP A 583 -32.53 21.91 -0.23
C TRP A 583 -32.13 20.98 -1.37
N ALA A 584 -32.82 19.84 -1.48
CA ALA A 584 -32.72 19.03 -2.68
C ALA A 584 -34.12 18.65 -3.07
N LEU A 585 -34.31 18.20 -4.31
CA LEU A 585 -35.62 17.67 -4.66
C LEU A 585 -35.47 16.20 -5.00
N GLY A 586 -36.59 15.49 -4.89
CA GLY A 586 -36.55 14.07 -5.14
C GLY A 586 -37.94 13.51 -5.22
N GLN A 587 -38.01 12.19 -5.25
CA GLN A 587 -39.28 11.51 -5.07
C GLN A 587 -39.20 10.53 -3.91
N ASN A 588 -40.35 10.30 -3.30
CA ASN A 588 -40.51 9.35 -2.20
C ASN A 588 -40.76 7.97 -2.78
N ASP A 589 -39.97 6.99 -2.34
CA ASP A 589 -40.10 5.69 -2.97
C ASP A 589 -41.42 5.04 -2.61
N ARG A 590 -41.88 5.22 -1.38
CA ARG A 590 -43.19 4.66 -1.03
C ARG A 590 -44.29 5.45 -1.69
N THR A 591 -44.32 6.77 -1.46
CA THR A 591 -45.44 7.57 -1.94
C THR A 591 -45.51 7.55 -3.46
N GLY A 592 -44.37 7.68 -4.12
CA GLY A 592 -44.35 8.08 -5.50
C GLY A 592 -44.46 9.57 -5.68
N LYS A 593 -44.86 10.31 -4.64
CA LYS A 593 -44.89 11.76 -4.71
C LYS A 593 -43.48 12.31 -4.88
N THR A 594 -43.37 13.39 -5.65
CA THR A 594 -42.08 14.02 -5.94
C THR A 594 -42.15 15.48 -5.54
N GLY A 595 -41.20 15.93 -4.71
CA GLY A 595 -41.24 17.29 -4.20
C GLY A 595 -39.91 17.70 -3.60
N LEU A 596 -39.96 18.82 -2.87
CA LEU A 596 -38.77 19.41 -2.27
C LEU A 596 -38.55 18.90 -0.85
N VAL A 597 -37.29 18.62 -0.56
CA VAL A 597 -36.87 18.06 0.73
C VAL A 597 -35.76 18.92 1.32
N PRO A 598 -35.79 19.17 2.62
CA PRO A 598 -34.63 19.80 3.28
C PRO A 598 -33.47 18.83 3.37
N THR A 599 -32.28 19.30 3.00
CA THR A 599 -31.11 18.44 3.03
C THR A 599 -30.81 18.01 4.46
N ALA A 600 -31.32 18.73 5.46
CA ALA A 600 -31.08 18.39 6.85
C ALA A 600 -31.86 17.16 7.33
N CYS A 601 -32.88 16.72 6.60
CA CYS A 601 -33.65 15.54 6.96
C CYS A 601 -33.19 14.28 6.24
N LEU A 602 -32.16 14.40 5.42
CA LEU A 602 -31.68 13.30 4.63
C LEU A 602 -30.52 12.62 5.34
N TYR A 603 -30.57 11.31 5.41
CA TYR A 603 -29.39 10.50 5.68
C TYR A 603 -29.05 9.75 4.40
N THR A 604 -27.94 10.12 3.78
CA THR A 604 -27.55 9.44 2.55
C THR A 604 -27.06 8.04 2.87
N ILE A 605 -27.49 7.08 2.06
CA ILE A 605 -27.07 5.69 2.19
C ILE A 605 -25.89 5.48 1.24
N PRO A 606 -24.76 4.93 1.69
CA PRO A 606 -23.62 4.76 0.79
C PRO A 606 -23.75 3.53 -0.11
N SER A 607 -24.76 3.54 -0.96
CA SER A 607 -24.92 2.50 -1.96
C SER A 607 -24.94 3.13 -3.34
N VAL A 608 -24.50 2.37 -4.34
CA VAL A 608 -24.63 2.84 -5.71
C VAL A 608 -25.79 2.17 -6.43
N THR A 609 -26.50 1.26 -5.75
CA THR A 609 -27.70 0.64 -6.29
C THR A 609 -28.83 0.81 -5.30
N LYS A 610 -30.07 0.65 -5.78
CA LYS A 610 -31.24 0.94 -4.94
C LYS A 610 -31.23 -0.01 -3.75
N PRO A 611 -31.23 0.50 -2.53
CA PRO A 611 -31.12 -0.36 -1.36
C PRO A 611 -32.34 -1.24 -1.16
N SER A 612 -32.08 -2.50 -0.83
CA SER A 612 -33.17 -3.46 -0.74
C SER A 612 -33.97 -3.22 0.54
N THR A 613 -35.19 -3.73 0.54
CA THR A 613 -35.99 -3.74 1.76
C THR A 613 -35.21 -4.34 2.92
N GLN A 614 -34.46 -5.42 2.66
CA GLN A 614 -33.65 -6.03 3.71
C GLN A 614 -32.72 -5.02 4.35
N LEU A 615 -32.10 -4.15 3.55
CA LEU A 615 -31.18 -3.15 4.08
C LEU A 615 -31.92 -1.99 4.74
N LEU A 616 -33.15 -1.71 4.30
CA LEU A 616 -33.91 -0.59 4.84
C LEU A 616 -34.57 -0.93 6.18
N SER A 617 -34.88 -2.20 6.43
CA SER A 617 -35.35 -2.61 7.75
C SER A 617 -34.26 -2.45 8.80
N LEU A 618 -33.01 -2.75 8.43
CA LEU A 618 -31.90 -2.58 9.36
C LEU A 618 -31.61 -1.11 9.64
N LEU A 619 -31.69 -0.27 8.61
CA LEU A 619 -31.32 1.13 8.71
C LEU A 619 -32.31 1.98 9.52
N ALA A 620 -33.42 1.40 9.99
CA ALA A 620 -34.44 2.13 10.75
C ALA A 620 -34.12 2.25 12.24
N SER B 13 -5.35 -20.75 -3.41
CA SER B 13 -6.30 -20.02 -2.57
C SER B 13 -6.14 -18.52 -2.78
N ILE B 14 -6.68 -17.72 -1.86
CA ILE B 14 -6.52 -16.27 -1.90
C ILE B 14 -5.12 -15.87 -1.46
N LEU B 15 -4.60 -16.53 -0.43
CA LEU B 15 -3.30 -16.19 0.11
C LEU B 15 -2.18 -16.60 -0.83
N ASN B 16 -2.43 -17.60 -1.67
CA ASN B 16 -1.45 -18.07 -2.64
C ASN B 16 -1.88 -17.59 -4.02
N ARG B 17 -1.15 -16.61 -4.56
CA ARG B 17 -1.38 -16.14 -5.91
C ARG B 17 -0.41 -16.85 -6.83
N PRO B 18 -0.86 -17.79 -7.66
CA PRO B 18 0.06 -18.49 -8.56
C PRO B 18 0.80 -17.53 -9.48
N GLY B 19 2.13 -17.63 -9.48
CA GLY B 19 3.01 -16.77 -10.23
C GLY B 19 3.68 -15.67 -9.42
N LEU B 20 3.07 -15.24 -8.32
CA LEU B 20 3.71 -14.32 -7.38
C LEU B 20 4.20 -14.98 -6.09
N GLY B 21 3.83 -16.22 -5.82
CA GLY B 21 4.17 -16.82 -4.54
C GLY B 21 3.10 -16.61 -3.49
N SER B 22 3.52 -16.74 -2.23
CA SER B 22 2.65 -16.63 -1.06
C SER B 22 2.76 -15.25 -0.43
N ILE B 23 1.65 -14.75 0.13
CA ILE B 23 1.66 -13.42 0.75
C ILE B 23 2.44 -13.49 2.06
N VAL B 24 2.60 -12.34 2.72
CA VAL B 24 3.14 -12.31 4.07
C VAL B 24 2.57 -11.09 4.78
N PHE B 25 2.41 -11.21 6.10
CA PHE B 25 1.83 -10.14 6.91
C PHE B 25 2.82 -9.71 8.00
#